data_8WTR
#
_entry.id   8WTR
#
_cell.length_a   87.330
_cell.length_b   60.016
_cell.length_c   85.558
_cell.angle_alpha   90.000
_cell.angle_beta   116.660
_cell.angle_gamma   90.000
#
_symmetry.space_group_name_H-M   'C 1 2 1'
#
loop_
_entity.id
_entity.type
_entity.pdbx_description
1 polymer 'Squalene synthase'
2 non-polymer 'PHOSPHATE ION'
3 non-polymer '(1~{S},3~{R})-3-[(10~{S})-13-chloranyl-2-(2,2-dimethylpropyl)-10-(2-methoxyphenyl)-3,5-bis(oxidanylidene)-9-oxa-2,6-diazabicyclo[9.4.0]pentadeca-1(15),11,13-trien-6-yl]cyclohexane-1-carboxylic acid'
4 water water
#
_entity_poly.entity_id   1
_entity_poly.type   'polypeptide(L)'
_entity_poly.pdbx_seq_one_letter_code
;MDQDSLSSSLKTCYKYLNQTSRSFAAVIQALDGEMRNAVCIFYLVLRALDTLEDDMTISVEKKVPLLHNFHSFLYQPDWR
FMESKEKDRQVLEDFPTISLEFRNLAEKYQTVIADICRRMGIGMAEFLDKHVTSEQEWDKYCHYVAGLVGIGLSRLFSAS
EFEDPLVGEDTERANSMGLFLQKTNIIRDYLEDQQGGREFWPQEVWSRYVKKLGDFAKPENIDLAVQCLNELITNALHHI
PDVITYLSRLRNQSVFNFCAIPQVMAIATLAACYNNQQVFKGAVKIRKGQAVTLMMDATNMPAVKAIIYQYMEEIYHRIP
DSDPSSSKTRQIISTIRTQN
;
_entity_poly.pdbx_strand_id   A
#
# COMPACT_ATOMS: atom_id res chain seq x y z
N LEU A 6 26.39 9.88 -10.99
CA LEU A 6 25.91 9.08 -9.80
C LEU A 6 27.10 8.32 -9.21
N SER A 7 27.23 8.36 -7.88
CA SER A 7 28.14 7.49 -7.14
C SER A 7 27.84 6.02 -7.49
N SER A 8 28.78 5.12 -7.20
CA SER A 8 28.49 3.72 -7.46
C SER A 8 27.38 3.25 -6.51
N SER A 9 27.42 3.76 -5.27
CA SER A 9 26.43 3.36 -4.27
C SER A 9 25.03 3.83 -4.70
N LEU A 10 24.85 5.04 -5.23
CA LEU A 10 23.52 5.42 -5.69
C LEU A 10 23.11 4.57 -6.89
N LYS A 11 24.09 4.18 -7.72
CA LYS A 11 23.75 3.39 -8.89
C LYS A 11 23.23 2.02 -8.45
N THR A 12 23.89 1.45 -7.43
CA THR A 12 23.45 0.20 -6.86
C THR A 12 22.03 0.33 -6.29
N CYS A 13 21.72 1.50 -5.67
CA CYS A 13 20.38 1.72 -5.14
C CYS A 13 19.33 1.64 -6.26
N TYR A 14 19.60 2.31 -7.39
CA TYR A 14 18.63 2.30 -8.49
C TYR A 14 18.49 0.91 -9.11
N LYS A 15 19.57 0.12 -9.07
CA LYS A 15 19.52 -1.25 -9.54
C LYS A 15 18.53 -2.02 -8.65
N TYR A 16 18.66 -1.85 -7.33
CA TYR A 16 17.72 -2.52 -6.42
C TYR A 16 16.31 -1.98 -6.62
N LEU A 17 16.19 -0.70 -6.96
CA LEU A 17 14.84 -0.16 -7.15
C LEU A 17 14.18 -0.86 -8.34
N ASN A 18 14.96 -1.05 -9.42
CA ASN A 18 14.43 -1.69 -10.61
C ASN A 18 14.14 -3.17 -10.32
N GLN A 19 14.99 -3.78 -9.50
CA GLN A 19 14.75 -5.18 -9.19
C GLN A 19 13.51 -5.35 -8.33
N THR A 20 13.25 -4.39 -7.41
CA THR A 20 12.17 -4.53 -6.45
C THR A 20 10.86 -3.97 -7.00
N SER A 21 10.90 -2.85 -7.73
CA SER A 21 9.64 -2.21 -8.11
C SER A 21 9.29 -2.45 -9.57
N ARG A 22 10.16 -3.18 -10.28
CA ARG A 22 9.87 -3.55 -11.66
C ARG A 22 9.52 -2.31 -12.48
N SER A 23 8.33 -2.28 -13.10
CA SER A 23 8.10 -1.25 -14.11
C SER A 23 7.64 0.07 -13.46
N PHE A 24 7.25 0.00 -12.17
CA PHE A 24 7.02 1.24 -11.43
C PHE A 24 8.30 2.04 -11.21
N ALA A 25 9.47 1.41 -11.36
CA ALA A 25 10.73 2.12 -11.18
C ALA A 25 10.78 3.38 -12.04
N ALA A 26 10.26 3.33 -13.27
CA ALA A 26 10.27 4.44 -14.22
C ALA A 26 9.54 5.67 -13.67
N VAL A 27 8.42 5.41 -12.99
CA VAL A 27 7.59 6.49 -12.46
C VAL A 27 8.36 7.18 -11.32
N ILE A 28 9.01 6.38 -10.49
CA ILE A 28 9.87 6.98 -9.47
C ILE A 28 11.00 7.78 -10.13
N GLN A 29 11.56 7.23 -11.21
CA GLN A 29 12.75 7.83 -11.80
C GLN A 29 12.37 9.16 -12.46
N ALA A 30 11.07 9.36 -12.71
CA ALA A 30 10.57 10.58 -13.32
C ALA A 30 10.36 11.72 -12.30
N LEU A 31 10.42 11.44 -10.99
CA LEU A 31 10.20 12.49 -9.99
C LEU A 31 11.22 13.61 -10.15
N ASP A 32 10.75 14.85 -9.98
CA ASP A 32 11.56 16.05 -10.18
C ASP A 32 12.59 16.21 -9.06
N GLY A 33 13.76 16.80 -9.43
CA GLY A 33 14.75 17.31 -8.50
C GLY A 33 15.16 16.30 -7.42
N GLU A 34 15.21 16.78 -6.17
CA GLU A 34 15.67 15.97 -5.06
C GLU A 34 14.64 14.91 -4.66
N MET A 35 13.41 14.99 -5.16
CA MET A 35 12.41 14.00 -4.80
C MET A 35 12.83 12.61 -5.26
N ARG A 36 13.52 12.55 -6.42
CA ARG A 36 13.81 11.27 -7.05
C ARG A 36 14.60 10.37 -6.10
N ASN A 37 15.74 10.89 -5.60
CA ASN A 37 16.63 10.09 -4.77
C ASN A 37 15.98 9.80 -3.42
N ALA A 38 15.26 10.78 -2.87
CA ALA A 38 14.66 10.62 -1.55
C ALA A 38 13.58 9.55 -1.59
N VAL A 39 12.79 9.48 -2.67
CA VAL A 39 11.78 8.42 -2.78
C VAL A 39 12.41 7.06 -3.07
N CYS A 40 13.43 7.07 -3.95
CA CYS A 40 14.15 5.83 -4.20
C CYS A 40 14.67 5.20 -2.91
N ILE A 41 15.34 6.00 -2.07
CA ILE A 41 15.91 5.48 -0.83
C ILE A 41 14.80 5.04 0.12
N PHE A 42 13.76 5.86 0.24
CA PHE A 42 12.66 5.52 1.15
C PHE A 42 12.01 4.20 0.70
N TYR A 43 11.80 4.06 -0.61
CA TYR A 43 11.30 2.81 -1.17
C TYR A 43 12.14 1.63 -0.70
N LEU A 44 13.47 1.75 -0.79
CA LEU A 44 14.36 0.63 -0.49
C LEU A 44 14.37 0.33 0.99
N VAL A 45 14.39 1.39 1.80
CA VAL A 45 14.44 1.22 3.24
C VAL A 45 13.17 0.52 3.74
N LEU A 46 12.00 0.92 3.19
CA LEU A 46 10.72 0.29 3.54
C LEU A 46 10.70 -1.16 3.08
N ARG A 47 11.25 -1.43 1.90
CA ARG A 47 11.36 -2.80 1.41
C ARG A 47 12.18 -3.65 2.39
N ALA A 48 13.29 -3.11 2.92
CA ALA A 48 14.07 -3.79 3.95
C ALA A 48 13.24 -4.02 5.23
N LEU A 49 12.55 -2.99 5.73
CA LEU A 49 11.76 -3.15 6.93
C LEU A 49 10.69 -4.23 6.68
N ASP A 50 9.98 -4.15 5.54
CA ASP A 50 8.91 -5.12 5.24
C ASP A 50 9.47 -6.53 5.20
N THR A 51 10.71 -6.66 4.74
CA THR A 51 11.31 -7.98 4.54
C THR A 51 11.61 -8.61 5.89
N LEU A 52 12.06 -7.80 6.85
CA LEU A 52 12.18 -8.24 8.23
C LEU A 52 10.80 -8.62 8.78
N GLU A 53 9.80 -7.73 8.63
CA GLU A 53 8.52 -8.03 9.23
C GLU A 53 8.00 -9.36 8.67
N ASP A 54 8.13 -9.58 7.35
CA ASP A 54 7.51 -10.68 6.63
C ASP A 54 8.16 -12.03 6.93
N ASP A 55 9.36 -12.00 7.49
CA ASP A 55 10.16 -13.21 7.45
C ASP A 55 9.80 -14.11 8.63
N MET A 56 9.07 -15.20 8.36
CA MET A 56 8.58 -16.04 9.43
C MET A 56 9.71 -16.89 10.01
N THR A 57 10.89 -16.87 9.39
CA THR A 57 12.01 -17.61 9.95
C THR A 57 12.74 -16.79 10.99
N ILE A 58 12.38 -15.50 11.14
CA ILE A 58 12.99 -14.72 12.20
C ILE A 58 12.11 -14.83 13.44
N SER A 59 12.70 -15.12 14.60
CA SER A 59 11.86 -15.41 15.76
C SER A 59 11.36 -14.09 16.34
N VAL A 60 10.30 -14.18 17.16
CA VAL A 60 9.75 -12.98 17.77
C VAL A 60 10.81 -12.30 18.64
N GLU A 61 11.57 -13.05 19.45
CA GLU A 61 12.48 -12.32 20.33
C GLU A 61 13.53 -11.53 19.54
N LYS A 62 13.83 -11.95 18.33
CA LYS A 62 14.83 -11.26 17.53
C LYS A 62 14.17 -10.16 16.69
N LYS A 63 13.00 -10.49 16.17
CA LYS A 63 12.24 -9.59 15.31
C LYS A 63 11.84 -8.29 16.03
N VAL A 64 11.43 -8.36 17.32
CA VAL A 64 10.93 -7.18 17.98
C VAL A 64 12.02 -6.11 18.03
N PRO A 65 13.24 -6.42 18.52
CA PRO A 65 14.33 -5.45 18.50
C PRO A 65 14.68 -4.96 17.09
N LEU A 66 14.63 -5.84 16.11
CA LEU A 66 14.93 -5.42 14.76
C LEU A 66 13.94 -4.33 14.30
N LEU A 67 12.66 -4.52 14.59
CA LEU A 67 11.63 -3.60 14.13
C LEU A 67 11.74 -2.31 14.95
N HIS A 68 11.90 -2.43 16.27
CA HIS A 68 11.98 -1.25 17.12
C HIS A 68 13.19 -0.38 16.74
N ASN A 69 14.30 -1.03 16.37
CA ASN A 69 15.55 -0.31 16.28
C ASN A 69 15.89 0.04 14.83
N PHE A 70 15.05 -0.38 13.88
CA PHE A 70 15.39 -0.21 12.48
C PHE A 70 15.71 1.25 12.14
N HIS A 71 14.94 2.19 12.70
CA HIS A 71 15.18 3.60 12.43
C HIS A 71 16.63 3.95 12.79
N SER A 72 17.17 3.33 13.84
CA SER A 72 18.54 3.59 14.27
C SER A 72 19.57 3.05 13.29
N PHE A 73 19.28 1.92 12.65
CA PHE A 73 20.20 1.27 11.73
C PHE A 73 20.54 2.16 10.53
N LEU A 74 19.63 3.06 10.16
CA LEU A 74 19.88 4.01 9.07
C LEU A 74 21.13 4.84 9.34
N TYR A 75 21.45 5.07 10.62
CA TYR A 75 22.57 5.92 11.02
C TYR A 75 23.83 5.11 11.36
N GLN A 76 23.77 3.77 11.25
CA GLN A 76 24.87 2.86 11.58
C GLN A 76 25.52 2.36 10.29
N PRO A 77 26.68 2.93 9.91
CA PRO A 77 27.24 2.70 8.58
C PRO A 77 27.45 1.20 8.33
N ASP A 78 27.76 0.43 9.39
CA ASP A 78 28.09 -0.97 9.16
C ASP A 78 26.89 -1.91 9.32
N TRP A 79 25.70 -1.41 9.71
CA TRP A 79 24.63 -2.34 10.06
C TRP A 79 24.16 -3.06 8.81
N ARG A 80 24.04 -4.40 8.88
CA ARG A 80 23.38 -5.18 7.85
C ARG A 80 22.75 -6.41 8.53
N PHE A 81 21.96 -7.17 7.80
CA PHE A 81 21.31 -8.38 8.30
C PHE A 81 21.46 -9.47 7.26
N MET A 82 22.07 -10.58 7.67
CA MET A 82 22.58 -11.60 6.75
C MET A 82 21.72 -12.87 6.82
N GLU A 83 20.67 -12.89 7.65
CA GLU A 83 20.00 -14.13 7.98
C GLU A 83 18.62 -14.24 7.31
N SER A 84 18.29 -13.33 6.40
CA SER A 84 16.95 -13.36 5.85
C SER A 84 16.82 -14.41 4.73
N LYS A 85 15.60 -14.93 4.56
CA LYS A 85 15.34 -15.98 3.59
C LYS A 85 14.25 -15.53 2.60
N GLU A 86 14.13 -14.23 2.35
CA GLU A 86 13.06 -13.71 1.49
C GLU A 86 13.59 -13.29 0.12
N LYS A 87 12.66 -13.02 -0.79
CA LYS A 87 12.96 -12.60 -2.15
C LYS A 87 13.87 -11.37 -2.15
N ASP A 88 13.56 -10.32 -1.36
CA ASP A 88 14.30 -9.07 -1.52
C ASP A 88 15.45 -8.95 -0.52
N ARG A 89 16.00 -10.10 -0.09
CA ARG A 89 16.99 -10.11 0.97
C ARG A 89 18.27 -9.33 0.62
N GLN A 90 18.52 -9.02 -0.67
CA GLN A 90 19.72 -8.24 -1.01
C GLN A 90 19.70 -6.85 -0.36
N VAL A 91 18.51 -6.24 -0.20
CA VAL A 91 18.46 -4.90 0.39
C VAL A 91 18.87 -4.96 1.85
N LEU A 92 18.67 -6.12 2.50
CA LEU A 92 19.10 -6.27 3.89
C LEU A 92 20.58 -6.64 3.94
N GLU A 93 21.02 -7.49 3.01
CA GLU A 93 22.41 -7.94 3.04
C GLU A 93 23.35 -6.80 2.70
N ASP A 94 22.92 -5.92 1.78
CA ASP A 94 23.68 -4.75 1.36
C ASP A 94 23.08 -3.45 1.93
N PHE A 95 22.46 -3.52 3.11
CA PHE A 95 21.87 -2.34 3.72
C PHE A 95 22.89 -1.20 3.84
N PRO A 96 24.19 -1.47 4.11
CA PRO A 96 25.17 -0.39 4.24
C PRO A 96 25.19 0.55 3.02
N THR A 97 24.98 0.00 1.83
CA THR A 97 24.98 0.81 0.61
C THR A 97 23.76 1.74 0.59
N ILE A 98 22.60 1.21 1.00
CA ILE A 98 21.36 1.99 1.05
C ILE A 98 21.46 3.03 2.17
N SER A 99 21.98 2.62 3.32
CA SER A 99 22.04 3.57 4.43
C SER A 99 23.06 4.68 4.15
N LEU A 100 24.13 4.38 3.40
CA LEU A 100 25.07 5.42 3.01
C LEU A 100 24.35 6.48 2.17
N GLU A 101 23.49 6.04 1.24
CA GLU A 101 22.79 7.00 0.38
C GLU A 101 21.69 7.72 1.15
N PHE A 102 21.07 7.07 2.14
CA PHE A 102 20.18 7.74 3.09
C PHE A 102 20.90 8.91 3.74
N ARG A 103 22.09 8.65 4.24
CA ARG A 103 22.85 9.66 4.96
C ARG A 103 23.38 10.76 4.03
N ASN A 104 23.37 10.51 2.72
CA ASN A 104 23.68 11.56 1.77
C ASN A 104 22.48 12.41 1.38
N LEU A 105 21.25 12.03 1.77
CA LEU A 105 20.10 12.89 1.48
C LEU A 105 20.22 14.16 2.29
N ALA A 106 19.53 15.23 1.87
CA ALA A 106 19.39 16.38 2.75
C ALA A 106 18.73 15.93 4.05
N GLU A 107 19.11 16.62 5.12
CA GLU A 107 18.64 16.26 6.43
C GLU A 107 17.12 16.30 6.51
N LYS A 108 16.45 17.20 5.76
CA LYS A 108 15.00 17.31 5.88
C LYS A 108 14.33 16.05 5.33
N TYR A 109 15.00 15.31 4.45
CA TYR A 109 14.38 14.09 3.97
C TYR A 109 14.81 12.93 4.86
N GLN A 110 16.05 12.95 5.34
CA GLN A 110 16.46 11.90 6.28
C GLN A 110 15.51 11.85 7.47
N THR A 111 15.19 13.01 8.06
CA THR A 111 14.41 13.01 9.31
C THR A 111 12.98 12.48 9.12
N VAL A 112 12.37 12.79 7.97
CA VAL A 112 11.08 12.20 7.61
C VAL A 112 11.19 10.68 7.61
N ILE A 113 12.16 10.14 6.82
CA ILE A 113 12.26 8.68 6.66
C ILE A 113 12.50 8.02 8.02
N ALA A 114 13.38 8.61 8.83
CA ALA A 114 13.74 7.98 10.10
C ALA A 114 12.53 7.95 11.04
N ASP A 115 11.82 9.08 11.12
CA ASP A 115 10.67 9.17 12.02
C ASP A 115 9.62 8.14 11.61
N ILE A 116 9.35 8.02 10.31
CA ILE A 116 8.37 7.06 9.78
C ILE A 116 8.76 5.62 10.09
N CYS A 117 10.03 5.29 9.83
CA CYS A 117 10.52 3.96 10.17
C CYS A 117 10.39 3.69 11.66
N ARG A 118 10.68 4.68 12.52
CA ARG A 118 10.53 4.43 13.95
C ARG A 118 9.08 4.04 14.28
N ARG A 119 8.11 4.79 13.73
CA ARG A 119 6.72 4.61 14.11
C ARG A 119 6.19 3.32 13.48
N MET A 120 6.56 3.05 12.23
CA MET A 120 6.13 1.82 11.58
C MET A 120 6.67 0.59 12.34
N GLY A 121 7.94 0.64 12.73
CA GLY A 121 8.49 -0.47 13.52
C GLY A 121 7.69 -0.76 14.80
N ILE A 122 7.35 0.27 15.56
CA ILE A 122 6.59 0.09 16.78
C ILE A 122 5.31 -0.66 16.45
N GLY A 123 4.63 -0.20 15.38
CA GLY A 123 3.32 -0.73 15.03
C GLY A 123 3.42 -2.16 14.49
N MET A 124 4.46 -2.41 13.69
CA MET A 124 4.62 -3.77 13.18
C MET A 124 4.90 -4.72 14.33
N ALA A 125 5.73 -4.29 15.28
CA ALA A 125 6.05 -5.14 16.42
C ALA A 125 4.78 -5.49 17.22
N GLU A 126 3.88 -4.52 17.40
CA GLU A 126 2.64 -4.77 18.12
C GLU A 126 1.77 -5.84 17.44
N PHE A 127 1.78 -5.98 16.09
CA PHE A 127 0.91 -6.96 15.45
C PHE A 127 1.57 -8.31 15.20
N LEU A 128 2.83 -8.52 15.63
CA LEU A 128 3.40 -9.85 15.48
C LEU A 128 2.52 -10.87 16.20
N ASP A 129 2.01 -10.49 17.38
CA ASP A 129 1.34 -11.36 18.34
C ASP A 129 -0.18 -11.43 18.11
N LYS A 130 -0.73 -10.83 17.05
CA LYS A 130 -2.18 -10.84 16.90
C LYS A 130 -2.60 -10.88 15.42
N HIS A 131 -3.84 -11.32 15.18
CA HIS A 131 -4.53 -11.18 13.90
C HIS A 131 -5.44 -9.94 14.00
N VAL A 132 -5.90 -9.44 12.87
CA VAL A 132 -6.70 -8.23 12.93
C VAL A 132 -8.10 -8.66 13.33
N THR A 133 -8.69 -8.01 14.33
CA THR A 133 -10.02 -8.40 14.78
C THR A 133 -11.03 -7.43 14.16
N SER A 134 -11.15 -6.24 14.75
CA SER A 134 -12.15 -5.27 14.30
C SER A 134 -11.72 -4.54 13.03
N GLU A 135 -12.69 -3.88 12.38
CA GLU A 135 -12.41 -2.99 11.27
C GLU A 135 -11.55 -1.82 11.75
N GLN A 136 -11.79 -1.41 13.01
CA GLN A 136 -10.96 -0.36 13.59
C GLN A 136 -9.51 -0.87 13.71
N GLU A 137 -9.31 -2.13 14.14
CA GLU A 137 -7.97 -2.70 14.21
C GLU A 137 -7.39 -2.86 12.80
N TRP A 138 -8.24 -3.13 11.82
CA TRP A 138 -7.74 -3.26 10.45
C TRP A 138 -7.16 -1.92 9.99
N ASP A 139 -7.83 -0.82 10.35
CA ASP A 139 -7.31 0.48 9.96
C ASP A 139 -6.01 0.80 10.69
N LYS A 140 -5.91 0.40 11.96
CA LYS A 140 -4.69 0.59 12.75
C LYS A 140 -3.53 -0.20 12.14
N TYR A 141 -3.71 -1.50 11.88
CA TYR A 141 -2.69 -2.28 11.16
C TYR A 141 -2.30 -1.63 9.82
N CYS A 142 -3.28 -1.22 9.00
CA CYS A 142 -3.00 -0.63 7.71
C CYS A 142 -2.24 0.70 7.86
N HIS A 143 -2.54 1.47 8.93
CA HIS A 143 -1.80 2.71 9.20
C HIS A 143 -0.31 2.39 9.39
N TYR A 144 -0.05 1.36 10.19
CA TYR A 144 1.33 1.02 10.52
C TYR A 144 2.11 0.60 9.27
N VAL A 145 1.49 -0.16 8.33
CA VAL A 145 2.29 -0.78 7.26
C VAL A 145 2.16 -0.01 5.94
N ALA A 146 1.16 0.90 5.86
CA ALA A 146 0.85 1.52 4.58
C ALA A 146 0.50 2.99 4.73
N GLY A 147 -0.40 3.31 5.66
CA GLY A 147 -0.82 4.70 5.85
C GLY A 147 0.38 5.59 6.18
N LEU A 148 1.30 5.08 7.01
CA LEU A 148 2.49 5.85 7.35
C LEU A 148 3.41 6.06 6.14
N VAL A 149 3.36 5.16 5.15
CA VAL A 149 4.10 5.35 3.91
C VAL A 149 3.52 6.54 3.15
N GLY A 150 2.20 6.61 3.10
CA GLY A 150 1.59 7.74 2.42
C GLY A 150 1.98 9.05 3.10
N ILE A 151 1.97 9.03 4.45
CA ILE A 151 2.29 10.22 5.24
C ILE A 151 3.76 10.59 5.01
N GLY A 152 4.67 9.61 5.07
CA GLY A 152 6.07 9.92 4.81
C GLY A 152 6.29 10.54 3.43
N LEU A 153 5.74 9.89 2.38
CA LEU A 153 5.93 10.41 1.04
C LEU A 153 5.44 11.86 0.96
N SER A 154 4.27 12.11 1.55
CA SER A 154 3.67 13.44 1.52
C SER A 154 4.60 14.49 2.13
N ARG A 155 5.27 14.10 3.23
CA ARG A 155 6.19 15.00 3.91
C ARG A 155 7.41 15.25 3.05
N LEU A 156 7.89 14.23 2.31
CA LEU A 156 8.97 14.49 1.36
C LEU A 156 8.54 15.51 0.30
N PHE A 157 7.32 15.36 -0.25
CA PHE A 157 6.82 16.27 -1.28
C PHE A 157 6.78 17.70 -0.75
N SER A 158 6.22 17.90 0.46
CA SER A 158 6.19 19.25 1.04
C SER A 158 7.59 19.72 1.38
N ALA A 159 8.42 18.84 1.94
CA ALA A 159 9.71 19.33 2.42
C ALA A 159 10.60 19.74 1.24
N SER A 160 10.36 19.15 0.06
CA SER A 160 11.14 19.47 -1.13
C SER A 160 10.62 20.77 -1.75
N GLU A 161 9.45 21.23 -1.30
CA GLU A 161 8.82 22.45 -1.74
C GLU A 161 8.22 22.32 -3.15
N PHE A 162 8.12 21.09 -3.66
CA PHE A 162 7.41 20.89 -4.91
C PHE A 162 5.90 20.89 -4.71
N GLU A 163 5.46 20.68 -3.47
CA GLU A 163 4.05 20.74 -3.16
C GLU A 163 3.83 21.61 -1.92
N ASP A 164 2.62 22.15 -1.79
CA ASP A 164 2.25 23.04 -0.69
C ASP A 164 2.37 22.30 0.64
N PRO A 165 2.68 22.99 1.77
CA PRO A 165 2.78 22.32 3.07
C PRO A 165 1.56 21.48 3.46
N LEU A 166 0.35 21.83 2.99
CA LEU A 166 -0.84 21.06 3.37
C LEU A 166 -0.66 19.59 2.96
N VAL A 167 0.07 19.34 1.85
CA VAL A 167 0.17 17.96 1.40
C VAL A 167 0.85 17.17 2.52
N GLY A 168 1.94 17.70 3.08
CA GLY A 168 2.60 16.98 4.13
C GLY A 168 1.85 17.00 5.48
N GLU A 169 1.07 18.04 5.74
CA GLU A 169 0.45 18.08 7.07
C GLU A 169 -0.83 17.25 7.18
N ASP A 170 -1.62 17.13 6.10
CA ASP A 170 -2.90 16.46 6.19
C ASP A 170 -2.71 14.94 6.27
N THR A 171 -2.46 14.45 7.50
CA THR A 171 -2.06 13.07 7.72
C THR A 171 -3.20 12.12 7.36
N GLU A 172 -4.45 12.58 7.45
CA GLU A 172 -5.59 11.69 7.26
C GLU A 172 -5.77 11.37 5.77
N ARG A 173 -5.66 12.40 4.92
CA ARG A 173 -5.75 12.17 3.47
C ARG A 173 -4.58 11.31 2.99
N ALA A 174 -3.38 11.62 3.49
CA ALA A 174 -2.21 10.83 3.18
C ALA A 174 -2.39 9.38 3.66
N ASN A 175 -2.90 9.20 4.88
CA ASN A 175 -3.10 7.87 5.42
C ASN A 175 -4.06 7.11 4.49
N SER A 176 -5.11 7.79 4.00
CA SER A 176 -6.12 7.11 3.19
C SER A 176 -5.51 6.58 1.89
N MET A 177 -4.53 7.32 1.36
CA MET A 177 -3.85 6.89 0.14
C MET A 177 -3.24 5.50 0.35
N GLY A 178 -2.61 5.35 1.51
CA GLY A 178 -1.96 4.08 1.83
C GLY A 178 -2.96 2.97 2.13
N LEU A 179 -4.01 3.33 2.90
CA LEU A 179 -4.99 2.33 3.30
C LEU A 179 -5.69 1.80 2.04
N PHE A 180 -5.94 2.65 1.05
CA PHE A 180 -6.68 2.19 -0.11
C PHE A 180 -5.88 1.11 -0.83
N LEU A 181 -4.56 1.34 -0.99
CA LEU A 181 -3.72 0.38 -1.70
C LEU A 181 -3.61 -0.91 -0.88
N GLN A 182 -3.40 -0.75 0.43
CA GLN A 182 -3.13 -1.89 1.28
C GLN A 182 -4.39 -2.75 1.39
N LYS A 183 -5.57 -2.13 1.57
CA LYS A 183 -6.76 -2.94 1.73
C LYS A 183 -7.07 -3.65 0.41
N THR A 184 -6.74 -3.00 -0.72
CA THR A 184 -6.97 -3.61 -2.03
C THR A 184 -6.09 -4.84 -2.19
N ASN A 185 -4.81 -4.72 -1.79
CA ASN A 185 -3.90 -5.86 -1.83
C ASN A 185 -4.40 -6.98 -0.92
N ILE A 186 -4.79 -6.62 0.31
CA ILE A 186 -5.25 -7.63 1.26
C ILE A 186 -6.47 -8.39 0.72
N ILE A 187 -7.42 -7.63 0.17
CA ILE A 187 -8.64 -8.23 -0.36
C ILE A 187 -8.24 -9.21 -1.48
N ARG A 188 -7.41 -8.75 -2.41
CA ARG A 188 -7.17 -9.51 -3.62
C ARG A 188 -6.33 -10.75 -3.30
N ASP A 189 -5.46 -10.64 -2.28
CA ASP A 189 -4.48 -11.71 -2.03
C ASP A 189 -5.00 -12.75 -1.02
N TYR A 190 -6.33 -12.78 -0.83
CA TYR A 190 -6.93 -13.74 0.10
C TYR A 190 -6.26 -15.13 -0.02
N LEU A 191 -6.23 -15.70 -1.23
CA LEU A 191 -5.92 -17.13 -1.33
C LEU A 191 -4.42 -17.36 -1.20
N GLU A 192 -3.62 -16.53 -1.87
CA GLU A 192 -2.18 -16.58 -1.73
C GLU A 192 -1.76 -16.44 -0.27
N ASP A 193 -2.37 -15.52 0.46
CA ASP A 193 -2.13 -15.38 1.90
C ASP A 193 -2.49 -16.66 2.66
N GLN A 194 -3.69 -17.21 2.40
CA GLN A 194 -4.13 -18.43 3.05
C GLN A 194 -3.05 -19.51 2.90
N GLN A 195 -2.54 -19.65 1.69
CA GLN A 195 -1.61 -20.70 1.36
C GLN A 195 -0.25 -20.43 2.02
N GLY A 196 0.08 -19.17 2.28
CA GLY A 196 1.31 -18.88 2.98
C GLY A 196 1.12 -18.85 4.49
N GLY A 197 -0.06 -19.27 4.96
CA GLY A 197 -0.40 -19.26 6.38
C GLY A 197 -0.59 -17.87 6.97
N ARG A 198 -1.03 -16.90 6.16
CA ARG A 198 -1.24 -15.56 6.68
C ARG A 198 -2.73 -15.21 6.66
N GLU A 199 -3.18 -14.41 7.64
CA GLU A 199 -4.56 -13.97 7.72
C GLU A 199 -4.59 -12.47 7.99
N PHE A 200 -5.17 -11.74 7.04
CA PHE A 200 -5.26 -10.28 7.13
C PHE A 200 -6.70 -9.78 7.05
N TRP A 201 -7.63 -10.60 6.51
CA TRP A 201 -9.02 -10.16 6.53
C TRP A 201 -9.48 -10.02 7.97
N PRO A 202 -10.20 -8.94 8.36
CA PRO A 202 -10.54 -8.75 9.75
C PRO A 202 -11.52 -9.82 10.24
N GLN A 203 -11.12 -10.43 11.36
CA GLN A 203 -11.84 -11.53 11.98
C GLN A 203 -13.27 -11.11 12.30
N GLU A 204 -13.52 -9.86 12.70
CA GLU A 204 -14.89 -9.46 13.03
C GLU A 204 -15.82 -9.48 11.81
N VAL A 205 -15.26 -9.23 10.62
CA VAL A 205 -16.05 -9.31 9.41
C VAL A 205 -16.18 -10.78 8.97
N TRP A 206 -15.07 -11.51 8.79
CA TRP A 206 -15.22 -12.84 8.23
C TRP A 206 -15.97 -13.78 9.19
N SER A 207 -15.86 -13.52 10.50
CA SER A 207 -16.47 -14.42 11.47
C SER A 207 -17.99 -14.34 11.37
N ARG A 208 -18.53 -13.33 10.69
CA ARG A 208 -19.98 -13.27 10.58
C ARG A 208 -20.47 -14.13 9.40
N TYR A 209 -19.54 -14.73 8.65
CA TYR A 209 -19.93 -15.57 7.52
C TYR A 209 -19.54 -17.03 7.74
N VAL A 210 -18.32 -17.27 8.24
CA VAL A 210 -17.83 -18.62 8.41
C VAL A 210 -17.07 -18.74 9.72
N LYS A 211 -16.75 -19.99 10.11
CA LYS A 211 -16.16 -20.21 11.42
C LYS A 211 -14.66 -19.99 11.40
N LYS A 212 -13.99 -20.32 10.27
CA LYS A 212 -12.58 -20.09 10.10
C LYS A 212 -12.39 -19.42 8.74
N LEU A 213 -11.33 -18.60 8.59
CA LEU A 213 -11.15 -17.79 7.38
C LEU A 213 -10.82 -18.71 6.21
N GLY A 214 -10.08 -19.78 6.48
CA GLY A 214 -9.80 -20.77 5.44
C GLY A 214 -11.07 -21.36 4.81
N ASP A 215 -12.21 -21.29 5.52
CA ASP A 215 -13.45 -21.87 5.01
C ASP A 215 -13.86 -21.26 3.67
N PHE A 216 -13.42 -20.02 3.35
CA PHE A 216 -13.86 -19.36 2.12
C PHE A 216 -13.26 -20.04 0.89
N ALA A 217 -12.25 -20.90 1.09
CA ALA A 217 -11.60 -21.59 -0.01
C ALA A 217 -12.39 -22.86 -0.35
N LYS A 218 -13.34 -23.26 0.50
CA LYS A 218 -14.09 -24.48 0.22
C LYS A 218 -15.34 -24.19 -0.61
N PRO A 219 -15.68 -25.07 -1.56
CA PRO A 219 -16.67 -24.73 -2.59
C PRO A 219 -18.06 -24.42 -2.02
N GLU A 220 -18.41 -25.13 -0.92
CA GLU A 220 -19.74 -25.02 -0.35
C GLU A 220 -19.93 -23.63 0.25
N ASN A 221 -18.83 -22.87 0.46
CA ASN A 221 -19.01 -21.57 1.11
C ASN A 221 -18.85 -20.40 0.15
N ILE A 222 -18.83 -20.67 -1.17
CA ILE A 222 -18.50 -19.64 -2.16
C ILE A 222 -19.46 -18.45 -2.08
N ASP A 223 -20.75 -18.66 -1.77
CA ASP A 223 -21.70 -17.56 -1.75
C ASP A 223 -21.37 -16.62 -0.58
N LEU A 224 -21.07 -17.23 0.57
CA LEU A 224 -20.71 -16.50 1.78
C LEU A 224 -19.39 -15.75 1.59
N ALA A 225 -18.44 -16.40 0.90
CA ALA A 225 -17.14 -15.81 0.64
C ALA A 225 -17.31 -14.52 -0.16
N VAL A 226 -18.13 -14.58 -1.22
CA VAL A 226 -18.31 -13.44 -2.11
C VAL A 226 -19.03 -12.31 -1.37
N GLN A 227 -19.94 -12.65 -0.44
CA GLN A 227 -20.61 -11.63 0.36
C GLN A 227 -19.59 -10.89 1.21
N CYS A 228 -18.71 -11.64 1.86
CA CYS A 228 -17.67 -11.03 2.69
C CYS A 228 -16.73 -10.16 1.84
N LEU A 229 -16.29 -10.69 0.70
CA LEU A 229 -15.49 -9.95 -0.28
C LEU A 229 -16.17 -8.61 -0.62
N ASN A 230 -17.44 -8.66 -1.01
CA ASN A 230 -18.19 -7.45 -1.33
C ASN A 230 -18.21 -6.47 -0.15
N GLU A 231 -18.32 -7.03 1.06
CA GLU A 231 -18.41 -6.15 2.22
C GLU A 231 -17.05 -5.47 2.46
N LEU A 232 -15.95 -6.20 2.28
CA LEU A 232 -14.66 -5.61 2.50
C LEU A 232 -14.31 -4.62 1.40
N ILE A 233 -14.70 -4.94 0.14
CA ILE A 233 -14.50 -3.99 -0.94
C ILE A 233 -15.28 -2.71 -0.62
N THR A 234 -16.50 -2.84 -0.08
CA THR A 234 -17.28 -1.66 0.25
C THR A 234 -16.52 -0.82 1.27
N ASN A 235 -15.91 -1.51 2.24
CA ASN A 235 -15.07 -0.82 3.22
C ASN A 235 -13.98 0.01 2.53
N ALA A 236 -13.17 -0.63 1.66
CA ALA A 236 -12.06 0.04 0.99
C ALA A 236 -12.55 1.26 0.19
N LEU A 237 -13.74 1.18 -0.43
CA LEU A 237 -14.22 2.29 -1.25
C LEU A 237 -14.38 3.58 -0.44
N HIS A 238 -14.57 3.45 0.88
CA HIS A 238 -14.75 4.62 1.72
C HIS A 238 -13.55 5.56 1.68
N HIS A 239 -12.36 5.09 1.23
CA HIS A 239 -11.16 5.92 1.20
C HIS A 239 -11.07 6.80 -0.07
N ILE A 240 -11.93 6.53 -1.06
CA ILE A 240 -11.78 7.16 -2.36
C ILE A 240 -12.07 8.67 -2.26
N PRO A 241 -13.06 9.17 -1.49
CA PRO A 241 -13.21 10.63 -1.35
C PRO A 241 -11.88 11.28 -0.93
N ASP A 242 -11.20 10.71 0.08
CA ASP A 242 -9.89 11.22 0.52
C ASP A 242 -8.84 11.15 -0.58
N VAL A 243 -8.84 10.05 -1.34
CA VAL A 243 -7.91 9.89 -2.45
C VAL A 243 -8.12 11.01 -3.46
N ILE A 244 -9.40 11.26 -3.79
CA ILE A 244 -9.69 12.34 -4.72
C ILE A 244 -9.22 13.68 -4.15
N THR A 245 -9.56 13.96 -2.89
CA THR A 245 -9.10 15.20 -2.26
C THR A 245 -7.58 15.30 -2.32
N TYR A 246 -6.90 14.20 -1.95
CA TYR A 246 -5.45 14.18 -1.93
C TYR A 246 -4.87 14.54 -3.32
N LEU A 247 -5.33 13.84 -4.37
CA LEU A 247 -4.79 14.00 -5.70
C LEU A 247 -5.09 15.41 -6.24
N SER A 248 -6.20 16.01 -5.80
CA SER A 248 -6.67 17.28 -6.36
C SER A 248 -5.77 18.42 -5.88
N ARG A 249 -4.96 18.15 -4.86
CA ARG A 249 -4.12 19.19 -4.27
C ARG A 249 -2.74 19.20 -4.89
N LEU A 250 -2.37 18.17 -5.66
CA LEU A 250 -1.00 18.03 -6.15
C LEU A 250 -0.80 18.96 -7.35
N ARG A 251 0.30 19.71 -7.37
CA ARG A 251 0.55 20.71 -8.39
C ARG A 251 1.71 20.29 -9.26
N ASN A 252 2.56 19.37 -8.77
CA ASN A 252 3.70 18.93 -9.55
C ASN A 252 3.31 17.72 -10.38
N GLN A 253 3.59 17.77 -11.68
CA GLN A 253 3.17 16.73 -12.60
C GLN A 253 3.78 15.38 -12.23
N SER A 254 5.08 15.37 -11.91
CA SER A 254 5.71 14.08 -11.66
C SER A 254 5.18 13.45 -10.38
N VAL A 255 4.90 14.29 -9.36
CA VAL A 255 4.31 13.81 -8.11
C VAL A 255 2.90 13.32 -8.37
N PHE A 256 2.09 14.10 -9.12
CA PHE A 256 0.74 13.66 -9.51
C PHE A 256 0.76 12.24 -10.06
N ASN A 257 1.63 12.01 -11.07
CA ASN A 257 1.64 10.75 -11.78
C ASN A 257 2.03 9.64 -10.81
N PHE A 258 3.11 9.90 -10.04
CA PHE A 258 3.54 8.97 -9.01
C PHE A 258 2.39 8.59 -8.06
N CYS A 259 1.58 9.56 -7.61
CA CYS A 259 0.53 9.21 -6.66
C CYS A 259 -0.73 8.64 -7.33
N ALA A 260 -1.05 9.16 -8.53
CA ALA A 260 -2.29 8.81 -9.19
C ALA A 260 -2.24 7.40 -9.76
N ILE A 261 -1.10 6.99 -10.34
CA ILE A 261 -1.06 5.74 -11.07
C ILE A 261 -1.41 4.52 -10.19
N PRO A 262 -0.84 4.42 -8.97
CA PRO A 262 -1.19 3.31 -8.09
C PRO A 262 -2.68 3.29 -7.76
N GLN A 263 -3.28 4.50 -7.60
CA GLN A 263 -4.65 4.57 -7.12
C GLN A 263 -5.61 4.09 -8.21
N VAL A 264 -5.37 4.49 -9.46
CA VAL A 264 -6.33 4.06 -10.48
C VAL A 264 -6.18 2.55 -10.74
N MET A 265 -4.99 2.02 -10.50
CA MET A 265 -4.77 0.60 -10.74
C MET A 265 -5.44 -0.22 -9.63
N ALA A 266 -5.36 0.30 -8.40
CA ALA A 266 -6.15 -0.22 -7.29
C ALA A 266 -7.67 -0.13 -7.54
N ILE A 267 -8.16 0.98 -8.06
CA ILE A 267 -9.59 1.07 -8.37
C ILE A 267 -9.96 -0.02 -9.36
N ALA A 268 -9.16 -0.18 -10.43
CA ALA A 268 -9.54 -1.14 -11.46
C ALA A 268 -9.49 -2.56 -10.86
N THR A 269 -8.54 -2.82 -9.95
CA THR A 269 -8.41 -4.12 -9.31
C THR A 269 -9.64 -4.46 -8.47
N LEU A 270 -10.07 -3.51 -7.63
CA LEU A 270 -11.29 -3.69 -6.83
C LEU A 270 -12.50 -3.96 -7.73
N ALA A 271 -12.61 -3.25 -8.84
CA ALA A 271 -13.73 -3.46 -9.76
C ALA A 271 -13.66 -4.88 -10.28
N ALA A 272 -12.46 -5.35 -10.67
CA ALA A 272 -12.30 -6.73 -11.14
C ALA A 272 -12.67 -7.77 -10.08
N CYS A 273 -12.40 -7.43 -8.81
CA CYS A 273 -12.60 -8.38 -7.72
C CYS A 273 -14.05 -8.35 -7.26
N TYR A 274 -14.80 -7.27 -7.56
CA TYR A 274 -16.12 -7.13 -6.97
C TYR A 274 -17.04 -8.26 -7.45
N ASN A 275 -17.71 -8.93 -6.50
CA ASN A 275 -18.67 -10.01 -6.71
C ASN A 275 -18.08 -11.15 -7.54
N ASN A 276 -16.76 -11.36 -7.44
CA ASN A 276 -16.00 -12.23 -8.31
C ASN A 276 -15.56 -13.48 -7.56
N GLN A 277 -16.16 -14.64 -7.88
CA GLN A 277 -15.79 -15.91 -7.27
C GLN A 277 -14.30 -16.19 -7.44
N GLN A 278 -13.69 -15.63 -8.50
CA GLN A 278 -12.32 -16.04 -8.82
C GLN A 278 -11.36 -15.66 -7.69
N VAL A 279 -11.72 -14.68 -6.85
CA VAL A 279 -10.84 -14.24 -5.76
C VAL A 279 -10.50 -15.44 -4.86
N PHE A 280 -11.43 -16.41 -4.81
CA PHE A 280 -11.31 -17.53 -3.89
C PHE A 280 -10.58 -18.71 -4.56
N LYS A 281 -10.20 -18.56 -5.83
CA LYS A 281 -9.58 -19.67 -6.55
C LYS A 281 -8.20 -19.27 -7.06
N GLY A 282 -7.89 -17.98 -7.03
CA GLY A 282 -6.58 -17.58 -7.55
C GLY A 282 -6.42 -16.07 -7.49
N ALA A 283 -5.40 -15.55 -8.18
CA ALA A 283 -5.08 -14.14 -8.14
C ALA A 283 -5.79 -13.44 -9.30
N VAL A 284 -6.75 -12.58 -8.96
CA VAL A 284 -7.44 -11.77 -9.95
C VAL A 284 -6.57 -10.55 -10.20
N LYS A 285 -6.12 -10.34 -11.44
CA LYS A 285 -5.25 -9.21 -11.74
C LYS A 285 -5.82 -8.49 -12.95
N ILE A 286 -5.54 -7.19 -13.11
CA ILE A 286 -5.99 -6.53 -14.31
C ILE A 286 -4.96 -6.91 -15.39
N ARG A 287 -5.40 -6.88 -16.65
CA ARG A 287 -4.59 -7.20 -17.83
C ARG A 287 -3.48 -6.16 -17.95
N LYS A 288 -2.30 -6.60 -18.45
CA LYS A 288 -1.16 -5.72 -18.64
C LYS A 288 -1.53 -4.54 -19.56
N GLY A 289 -2.23 -4.80 -20.69
CA GLY A 289 -2.59 -3.70 -21.57
C GLY A 289 -3.56 -2.71 -20.90
N GLN A 290 -4.42 -3.23 -20.01
CA GLN A 290 -5.32 -2.38 -19.24
C GLN A 290 -4.49 -1.50 -18.31
N ALA A 291 -3.52 -2.10 -17.63
CA ALA A 291 -2.64 -1.38 -16.71
C ALA A 291 -1.87 -0.26 -17.42
N VAL A 292 -1.30 -0.59 -18.58
CA VAL A 292 -0.51 0.39 -19.33
C VAL A 292 -1.37 1.60 -19.68
N THR A 293 -2.61 1.35 -20.17
CA THR A 293 -3.48 2.44 -20.57
C THR A 293 -3.78 3.30 -19.35
N LEU A 294 -4.06 2.65 -18.20
CA LEU A 294 -4.36 3.40 -16.97
C LEU A 294 -3.18 4.30 -16.59
N MET A 295 -1.96 3.77 -16.68
CA MET A 295 -0.76 4.49 -16.32
C MET A 295 -0.56 5.69 -17.26
N MET A 296 -0.85 5.51 -18.55
CA MET A 296 -0.67 6.60 -19.50
C MET A 296 -1.73 7.67 -19.33
N ASP A 297 -2.92 7.28 -18.85
CA ASP A 297 -4.06 8.19 -18.83
C ASP A 297 -4.09 9.02 -17.55
N ALA A 298 -3.51 8.49 -16.48
CA ALA A 298 -3.74 9.04 -15.16
C ALA A 298 -2.83 10.23 -14.85
N THR A 299 -3.01 11.35 -15.56
CA THR A 299 -2.05 12.44 -15.46
C THR A 299 -2.69 13.81 -15.18
N ASN A 300 -4.01 13.85 -14.97
CA ASN A 300 -4.70 15.08 -14.58
C ASN A 300 -5.99 14.71 -13.88
N MET A 301 -6.56 15.63 -13.09
CA MET A 301 -7.70 15.30 -12.24
C MET A 301 -8.94 14.92 -13.04
N PRO A 302 -9.33 15.69 -14.10
CA PRO A 302 -10.51 15.30 -14.88
C PRO A 302 -10.39 13.84 -15.33
N ALA A 303 -9.22 13.40 -15.75
CA ALA A 303 -9.07 12.06 -16.31
C ALA A 303 -9.12 11.00 -15.20
N VAL A 304 -8.50 11.30 -14.06
CA VAL A 304 -8.52 10.36 -12.94
C VAL A 304 -9.95 10.23 -12.42
N LYS A 305 -10.65 11.37 -12.28
CA LYS A 305 -12.03 11.29 -11.86
C LYS A 305 -12.88 10.49 -12.84
N ALA A 306 -12.69 10.72 -14.14
CA ALA A 306 -13.44 9.97 -15.16
C ALA A 306 -13.22 8.47 -15.01
N ILE A 307 -11.97 8.07 -14.79
CA ILE A 307 -11.65 6.66 -14.57
C ILE A 307 -12.35 6.14 -13.32
N ILE A 308 -12.21 6.84 -12.19
CA ILE A 308 -12.88 6.42 -10.96
C ILE A 308 -14.38 6.26 -11.22
N TYR A 309 -15.03 7.27 -11.81
CA TYR A 309 -16.48 7.22 -11.98
C TYR A 309 -16.89 6.02 -12.84
N GLN A 310 -16.13 5.76 -13.90
CA GLN A 310 -16.42 4.64 -14.79
C GLN A 310 -16.36 3.29 -14.08
N TYR A 311 -15.29 3.05 -13.32
CA TYR A 311 -15.21 1.81 -12.58
C TYR A 311 -16.28 1.74 -11.47
N MET A 312 -16.57 2.87 -10.80
CA MET A 312 -17.59 2.83 -9.75
C MET A 312 -18.96 2.53 -10.36
N GLU A 313 -19.26 3.10 -11.54
CA GLU A 313 -20.54 2.82 -12.20
C GLU A 313 -20.61 1.34 -12.57
N GLU A 314 -19.47 0.78 -12.97
CA GLU A 314 -19.47 -0.62 -13.31
C GLU A 314 -19.81 -1.44 -12.07
N ILE A 315 -19.20 -1.09 -10.93
CA ILE A 315 -19.49 -1.85 -9.73
C ILE A 315 -20.98 -1.71 -9.37
N TYR A 316 -21.44 -0.46 -9.43
CA TYR A 316 -22.81 -0.12 -9.09
C TYR A 316 -23.78 -1.03 -9.85
N HIS A 317 -23.56 -1.17 -11.16
CA HIS A 317 -24.52 -1.92 -11.96
C HIS A 317 -24.40 -3.43 -11.71
N ARG A 318 -23.38 -3.89 -10.97
CA ARG A 318 -23.23 -5.34 -10.76
C ARG A 318 -23.63 -5.73 -9.34
N ILE A 319 -24.05 -4.76 -8.53
CA ILE A 319 -24.38 -5.04 -7.14
C ILE A 319 -25.59 -5.97 -7.13
N PRO A 320 -25.52 -7.15 -6.50
CA PRO A 320 -26.70 -8.01 -6.40
C PRO A 320 -27.65 -7.45 -5.34
N ASP A 321 -28.95 -7.43 -5.64
CA ASP A 321 -29.98 -6.94 -4.73
C ASP A 321 -29.91 -7.61 -3.35
N SER A 322 -29.65 -8.91 -3.33
CA SER A 322 -29.60 -9.67 -2.09
C SER A 322 -28.21 -9.59 -1.45
N ASP A 323 -27.26 -8.87 -2.05
CA ASP A 323 -25.98 -8.72 -1.35
C ASP A 323 -26.21 -8.03 0.00
N PRO A 324 -25.73 -8.57 1.14
CA PRO A 324 -25.92 -7.94 2.44
C PRO A 324 -25.31 -6.53 2.56
N SER A 325 -24.34 -6.14 1.71
CA SER A 325 -23.77 -4.79 1.82
C SER A 325 -24.36 -3.85 0.76
N SER A 326 -25.40 -4.29 0.04
CA SER A 326 -25.79 -3.62 -1.18
C SER A 326 -26.10 -2.12 -0.98
N SER A 327 -26.90 -1.76 0.03
CA SER A 327 -27.17 -0.33 0.14
C SER A 327 -25.95 0.44 0.64
N LYS A 328 -25.06 -0.19 1.41
CA LYS A 328 -23.82 0.52 1.78
C LYS A 328 -22.97 0.74 0.53
N THR A 329 -22.94 -0.28 -0.36
CA THR A 329 -22.12 -0.13 -1.55
C THR A 329 -22.67 1.03 -2.39
N ARG A 330 -24.00 1.08 -2.53
CA ARG A 330 -24.60 2.10 -3.40
C ARG A 330 -24.36 3.47 -2.76
N GLN A 331 -24.46 3.54 -1.44
CA GLN A 331 -24.28 4.80 -0.76
C GLN A 331 -22.87 5.37 -0.94
N ILE A 332 -21.84 4.54 -0.77
CA ILE A 332 -20.50 5.14 -0.94
C ILE A 332 -20.24 5.49 -2.39
N ILE A 333 -20.79 4.69 -3.33
CA ILE A 333 -20.56 5.01 -4.73
C ILE A 333 -21.21 6.36 -5.04
N SER A 334 -22.42 6.56 -4.51
CA SER A 334 -23.11 7.83 -4.69
C SER A 334 -22.32 9.01 -4.10
N THR A 335 -21.76 8.86 -2.90
CA THR A 335 -20.96 9.94 -2.34
C THR A 335 -19.79 10.31 -3.24
N ILE A 336 -19.06 9.29 -3.71
CA ILE A 336 -17.90 9.49 -4.58
C ILE A 336 -18.37 10.27 -5.80
N ARG A 337 -19.48 9.83 -6.41
CA ARG A 337 -19.91 10.40 -7.69
C ARG A 337 -20.23 11.89 -7.54
N THR A 338 -20.80 12.28 -6.39
CA THR A 338 -21.39 13.61 -6.29
C THR A 338 -20.46 14.58 -5.56
N GLN A 339 -19.18 14.24 -5.42
CA GLN A 339 -18.21 15.03 -4.68
C GLN A 339 -17.51 15.99 -5.63
N ASN A 340 -16.99 15.43 -6.73
CA ASN A 340 -16.27 16.22 -7.72
C ASN A 340 -17.06 16.24 -9.03
#